data_1LFC
#
_entry.id   1LFC
#
_cell.length_a   1.000
_cell.length_b   1.000
_cell.length_c   1.000
_cell.angle_alpha   90.00
_cell.angle_beta   90.00
_cell.angle_gamma   90.00
#
_symmetry.space_group_name_H-M   'P 1'
#
_entity_poly.entity_id   1
_entity_poly.type   'polypeptide(L)'
_entity_poly.pdbx_seq_one_letter_code
;FKCRRWQWRMKKLGAPSITCVRRAF
;
_entity_poly.pdbx_strand_id   A
#
# COMPACT_ATOMS: atom_id res chain seq x y z
N PHE A 1 -0.96 -11.04 9.60
CA PHE A 1 -0.13 -10.40 8.55
C PHE A 1 0.30 -9.01 9.01
N LYS A 2 1.57 -8.71 8.93
CA LYS A 2 2.05 -7.37 9.36
C LYS A 2 2.97 -6.77 8.29
N CYS A 3 2.45 -5.89 7.47
CA CYS A 3 3.28 -5.27 6.41
C CYS A 3 4.38 -4.40 7.03
N ARG A 4 4.89 -3.48 6.27
CA ARG A 4 5.96 -2.59 6.80
C ARG A 4 5.98 -1.23 6.09
N ARG A 5 5.61 -1.18 4.84
CA ARG A 5 5.62 0.14 4.13
C ARG A 5 4.50 0.23 3.09
N TRP A 6 3.32 0.60 3.50
CA TRP A 6 2.20 0.73 2.54
C TRP A 6 2.49 1.87 1.55
N GLN A 7 2.93 1.54 0.37
CA GLN A 7 3.24 2.62 -0.63
C GLN A 7 1.99 2.98 -1.44
N TRP A 8 1.48 4.17 -1.26
CA TRP A 8 0.27 4.59 -2.01
C TRP A 8 0.46 4.34 -3.51
N ARG A 9 -0.16 3.32 -4.03
CA ARG A 9 -0.02 3.03 -5.49
C ARG A 9 -0.92 3.97 -6.29
N MET A 10 -0.97 3.81 -7.58
CA MET A 10 -1.83 4.72 -8.41
C MET A 10 -3.27 4.20 -8.42
N LYS A 11 -4.20 5.08 -8.63
CA LYS A 11 -5.64 4.66 -8.65
C LYS A 11 -6.47 5.69 -9.42
N LYS A 12 -7.73 5.77 -9.11
CA LYS A 12 -8.62 6.74 -9.82
C LYS A 12 -8.04 8.16 -9.76
N LEU A 13 -8.84 9.13 -10.06
CA LEU A 13 -8.35 10.54 -10.05
C LEU A 13 -8.14 11.05 -8.63
N GLY A 14 -7.06 11.74 -8.40
CA GLY A 14 -6.78 12.29 -7.04
C GLY A 14 -7.06 11.24 -5.97
N ALA A 15 -6.59 10.04 -6.16
CA ALA A 15 -6.84 8.98 -5.14
C ALA A 15 -5.86 7.81 -5.33
N PRO A 16 -4.83 7.83 -4.55
CA PRO A 16 -3.80 6.77 -4.61
C PRO A 16 -4.32 5.49 -3.92
N SER A 17 -3.54 4.45 -3.94
CA SER A 17 -3.98 3.18 -3.27
C SER A 17 -2.82 2.58 -2.47
N ILE A 18 -2.77 2.82 -1.19
CA ILE A 18 -1.65 2.26 -0.37
C ILE A 18 -1.85 0.75 -0.17
N THR A 19 -0.98 -0.04 -0.72
CA THR A 19 -1.11 -1.51 -0.57
C THR A 19 0.04 -2.05 0.29
N CYS A 20 0.01 -3.30 0.63
CA CYS A 20 1.11 -3.87 1.47
C CYS A 20 2.33 -4.17 0.62
N VAL A 21 3.44 -3.53 0.90
CA VAL A 21 4.67 -3.78 0.09
C VAL A 21 5.67 -4.57 0.92
N ARG A 22 5.19 -5.32 1.85
CA ARG A 22 6.08 -6.13 2.72
C ARG A 22 5.29 -7.23 3.43
N ARG A 23 5.77 -8.44 3.42
CA ARG A 23 5.03 -9.53 4.09
C ARG A 23 5.74 -9.92 5.39
N ALA A 24 5.99 -8.98 6.25
CA ALA A 24 6.68 -9.30 7.53
C ALA A 24 5.71 -9.98 8.50
N PHE A 25 6.01 -11.17 8.92
CA PHE A 25 5.11 -11.90 9.86
C PHE A 25 4.59 -10.93 10.94
N PHE A 1 -3.37 -7.94 7.98
CA PHE A 1 -2.09 -8.53 7.47
C PHE A 1 -0.90 -7.67 7.93
N LYS A 2 0.20 -8.29 8.24
CA LYS A 2 1.39 -7.51 8.69
C LYS A 2 2.11 -6.89 7.48
N CYS A 3 2.91 -5.88 7.70
CA CYS A 3 3.64 -5.24 6.57
C CYS A 3 4.78 -4.39 7.09
N ARG A 4 5.22 -3.45 6.29
CA ARG A 4 6.34 -2.57 6.74
C ARG A 4 6.29 -1.21 6.04
N ARG A 5 5.80 -1.13 4.83
CA ARG A 5 5.75 0.19 4.14
C ARG A 5 4.60 0.25 3.13
N TRP A 6 3.45 0.68 3.56
CA TRP A 6 2.30 0.80 2.62
C TRP A 6 2.58 1.90 1.59
N GLN A 7 3.02 1.54 0.42
CA GLN A 7 3.31 2.58 -0.61
C GLN A 7 2.05 2.93 -1.40
N TRP A 8 1.50 4.08 -1.17
CA TRP A 8 0.27 4.48 -1.91
C TRP A 8 0.42 4.17 -3.40
N ARG A 9 -0.19 3.12 -3.87
CA ARG A 9 -0.07 2.76 -5.31
C ARG A 9 -1.01 3.65 -6.13
N MET A 10 -1.15 3.37 -7.40
CA MET A 10 -2.06 4.20 -8.24
C MET A 10 -3.52 3.79 -8.03
N LYS A 11 -4.42 4.70 -8.23
CA LYS A 11 -5.87 4.39 -8.05
C LYS A 11 -6.71 5.42 -8.81
N LYS A 12 -7.93 5.58 -8.41
CA LYS A 12 -8.80 6.58 -9.09
C LYS A 12 -8.12 7.94 -9.12
N LEU A 13 -8.84 8.98 -9.44
CA LEU A 13 -8.24 10.33 -9.50
C LEU A 13 -8.13 10.94 -8.10
N GLY A 14 -7.10 11.71 -7.87
CA GLY A 14 -6.93 12.34 -6.54
C GLY A 14 -7.02 11.27 -5.45
N ALA A 15 -6.83 10.03 -5.81
CA ALA A 15 -6.92 8.95 -4.79
C ALA A 15 -5.94 7.82 -5.10
N PRO A 16 -4.94 7.71 -4.27
CA PRO A 16 -3.91 6.64 -4.42
C PRO A 16 -4.39 5.37 -3.73
N SER A 17 -3.58 4.33 -3.74
CA SER A 17 -3.98 3.06 -3.07
C SER A 17 -2.81 2.50 -2.26
N ILE A 18 -2.75 2.77 -0.98
CA ILE A 18 -1.63 2.24 -0.16
C ILE A 18 -1.84 0.75 0.10
N THR A 19 -1.00 -0.07 -0.47
CA THR A 19 -1.14 -1.54 -0.28
C THR A 19 0.02 -2.06 0.58
N CYS A 20 -0.03 -3.31 0.96
CA CYS A 20 1.07 -3.87 1.79
C CYS A 20 2.26 -4.23 0.90
N VAL A 21 3.37 -3.56 1.06
CA VAL A 21 4.55 -3.86 0.21
C VAL A 21 5.57 -4.67 1.00
N ARG A 22 5.10 -5.40 1.96
CA ARG A 22 6.02 -6.23 2.79
C ARG A 22 5.23 -7.30 3.54
N ARG A 23 5.71 -8.51 3.58
CA ARG A 23 4.99 -9.58 4.31
C ARG A 23 5.71 -9.94 5.60
N ALA A 24 5.98 -8.96 6.43
CA ALA A 24 6.68 -9.23 7.71
C ALA A 24 5.71 -9.83 8.73
N PHE A 25 5.58 -11.13 8.73
CA PHE A 25 4.65 -11.79 9.70
C PHE A 25 4.77 -11.14 11.08
N PHE A 1 -2.57 -8.99 5.78
CA PHE A 1 -1.78 -9.39 6.98
C PHE A 1 -0.96 -8.21 7.51
N LYS A 2 0.08 -8.48 8.24
CA LYS A 2 0.92 -7.37 8.78
C LYS A 2 1.98 -6.97 7.76
N CYS A 3 1.88 -5.79 7.22
CA CYS A 3 2.88 -5.33 6.21
C CYS A 3 3.97 -4.50 6.88
N ARG A 4 4.64 -3.69 6.11
CA ARG A 4 5.72 -2.85 6.69
C ARG A 4 5.95 -1.57 5.85
N ARG A 5 5.74 -1.64 4.57
CA ARG A 5 5.95 -0.43 3.71
C ARG A 5 4.80 -0.23 2.72
N TRP A 6 3.68 0.28 3.17
CA TRP A 6 2.55 0.50 2.25
C TRP A 6 2.91 1.60 1.22
N GLN A 7 3.12 1.23 -0.01
CA GLN A 7 3.48 2.25 -1.03
C GLN A 7 2.22 2.74 -1.76
N TRP A 8 1.85 3.99 -1.57
CA TRP A 8 0.64 4.53 -2.24
C TRP A 8 0.71 4.26 -3.74
N ARG A 9 -0.03 3.29 -4.21
CA ARG A 9 0.00 2.99 -5.67
C ARG A 9 -0.87 3.99 -6.42
N MET A 10 -0.98 3.85 -7.72
CA MET A 10 -1.81 4.81 -8.50
C MET A 10 -3.30 4.45 -8.32
N LYS A 11 -4.15 5.41 -8.51
CA LYS A 11 -5.61 5.14 -8.37
C LYS A 11 -6.42 6.18 -9.14
N LYS A 12 -7.70 5.96 -9.28
CA LYS A 12 -8.53 6.95 -10.03
C LYS A 12 -8.66 8.24 -9.23
N LEU A 13 -9.57 9.09 -9.60
CA LEU A 13 -9.76 10.38 -8.87
C LEU A 13 -9.92 10.12 -7.37
N GLY A 14 -9.60 11.08 -6.55
CA GLY A 14 -9.75 10.89 -5.08
C GLY A 14 -8.37 10.86 -4.43
N ALA A 15 -7.63 9.82 -4.65
CA ALA A 15 -6.28 9.74 -4.03
C ALA A 15 -5.54 8.47 -4.49
N PRO A 16 -4.33 8.33 -4.01
CA PRO A 16 -3.50 7.15 -4.36
C PRO A 16 -4.03 5.88 -3.66
N SER A 17 -3.36 4.78 -3.83
CA SER A 17 -3.81 3.52 -3.17
C SER A 17 -2.63 2.82 -2.48
N ILE A 18 -2.48 3.01 -1.21
CA ILE A 18 -1.33 2.37 -0.48
C ILE A 18 -1.63 0.87 -0.28
N THR A 19 -0.85 0.02 -0.87
CA THR A 19 -1.07 -1.44 -0.71
C THR A 19 0.08 -2.05 0.09
N CYS A 20 -0.01 -3.31 0.41
CA CYS A 20 1.09 -3.96 1.20
C CYS A 20 2.28 -4.29 0.28
N VAL A 21 3.47 -3.90 0.66
CA VAL A 21 4.65 -4.20 -0.20
C VAL A 21 5.73 -4.91 0.61
N ARG A 22 5.32 -5.57 1.64
CA ARG A 22 6.30 -6.29 2.51
C ARG A 22 5.58 -7.32 3.37
N ARG A 23 6.29 -8.30 3.86
CA ARG A 23 5.64 -9.32 4.73
C ARG A 23 6.04 -9.10 6.18
N ALA A 24 5.24 -9.54 7.10
CA ALA A 24 5.58 -9.35 8.54
C ALA A 24 4.54 -10.06 9.43
N PHE A 25 4.63 -11.35 9.53
CA PHE A 25 3.65 -12.10 10.38
C PHE A 25 3.40 -11.34 11.69
N PHE A 1 -3.15 -7.66 8.33
CA PHE A 1 -1.86 -8.26 7.88
C PHE A 1 -0.68 -7.49 8.46
N LYS A 2 0.46 -8.11 8.53
CA LYS A 2 1.66 -7.41 9.10
C LYS A 2 2.56 -6.92 7.96
N CYS A 3 2.70 -5.63 7.81
CA CYS A 3 3.57 -5.10 6.73
C CYS A 3 4.66 -4.21 7.30
N ARG A 4 5.20 -3.34 6.49
CA ARG A 4 6.29 -2.44 6.99
C ARG A 4 6.23 -1.07 6.29
N ARG A 5 5.81 -1.02 5.06
CA ARG A 5 5.76 0.30 4.35
C ARG A 5 4.67 0.33 3.29
N TRP A 6 3.49 0.77 3.65
CA TRP A 6 2.40 0.84 2.66
C TRP A 6 2.67 1.95 1.64
N GLN A 7 3.03 1.60 0.44
CA GLN A 7 3.32 2.64 -0.59
C GLN A 7 2.06 2.96 -1.40
N TRP A 8 1.50 4.12 -1.21
CA TRP A 8 0.28 4.50 -1.96
C TRP A 8 0.46 4.24 -3.45
N ARG A 9 -0.12 3.18 -3.96
CA ARG A 9 0.02 2.87 -5.40
C ARG A 9 -0.93 3.76 -6.21
N MET A 10 -1.01 3.54 -7.50
CA MET A 10 -1.92 4.39 -8.33
C MET A 10 -3.36 3.86 -8.25
N LYS A 11 -4.31 4.72 -8.46
CA LYS A 11 -5.74 4.28 -8.41
C LYS A 11 -6.61 5.27 -9.18
N LYS A 12 -7.87 5.32 -8.84
CA LYS A 12 -8.80 6.24 -9.55
C LYS A 12 -8.24 7.68 -9.54
N LEU A 13 -9.08 8.63 -9.86
CA LEU A 13 -8.62 10.05 -9.89
C LEU A 13 -8.42 10.60 -8.49
N GLY A 14 -7.37 11.37 -8.28
CA GLY A 14 -7.11 11.95 -6.95
C GLY A 14 -7.31 10.92 -5.86
N ALA A 15 -6.78 9.74 -6.04
CA ALA A 15 -6.96 8.68 -4.99
C ALA A 15 -5.96 7.55 -5.22
N PRO A 16 -4.91 7.58 -4.44
CA PRO A 16 -3.87 6.53 -4.53
C PRO A 16 -4.33 5.25 -3.83
N SER A 17 -3.50 4.24 -3.80
CA SER A 17 -3.89 2.97 -3.14
C SER A 17 -2.72 2.41 -2.33
N ILE A 18 -2.67 2.69 -1.06
CA ILE A 18 -1.53 2.18 -0.23
C ILE A 18 -1.72 0.68 0.04
N THR A 19 -0.80 -0.14 -0.43
CA THR A 19 -0.92 -1.61 -0.21
C THR A 19 0.25 -2.10 0.64
N CYS A 20 0.26 -3.36 0.97
CA CYS A 20 1.38 -3.90 1.79
C CYS A 20 2.58 -4.17 0.88
N VAL A 21 3.69 -3.50 1.12
CA VAL A 21 4.88 -3.72 0.26
C VAL A 21 5.96 -4.46 1.05
N ARG A 22 5.55 -5.19 2.03
CA ARG A 22 6.52 -5.97 2.85
C ARG A 22 5.78 -7.05 3.65
N ARG A 23 6.02 -8.29 3.35
CA ARG A 23 5.33 -9.37 4.11
C ARG A 23 6.21 -9.87 5.25
N ALA A 24 6.64 -8.98 6.11
CA ALA A 24 7.50 -9.39 7.25
C ALA A 24 6.72 -10.29 8.21
N PHE A 25 7.31 -11.38 8.63
CA PHE A 25 6.62 -12.29 9.56
C PHE A 25 7.56 -13.42 10.00
N PHE A 1 -3.27 -7.53 5.94
CA PHE A 1 -2.06 -8.05 6.62
C PHE A 1 -1.30 -6.91 7.30
N LYS A 2 -0.68 -7.18 8.42
CA LYS A 2 0.09 -6.11 9.12
C LYS A 2 1.41 -5.85 8.40
N CYS A 3 1.37 -5.20 7.27
CA CYS A 3 2.63 -4.91 6.54
C CYS A 3 3.43 -3.83 7.26
N ARG A 4 4.34 -3.22 6.55
CA ARG A 4 5.18 -2.15 7.18
C ARG A 4 5.47 -1.02 6.19
N ARG A 5 5.59 -1.32 4.93
CA ARG A 5 5.89 -0.25 3.93
C ARG A 5 4.75 -0.12 2.92
N TRP A 6 3.65 0.48 3.31
CA TRP A 6 2.52 0.65 2.38
C TRP A 6 2.83 1.74 1.35
N GLN A 7 3.27 1.37 0.18
CA GLN A 7 3.59 2.40 -0.86
C GLN A 7 2.33 2.76 -1.65
N TRP A 8 1.73 3.88 -1.34
CA TRP A 8 0.50 4.30 -2.07
C TRP A 8 0.64 4.02 -3.57
N ARG A 9 0.00 2.99 -4.05
CA ARG A 9 0.09 2.68 -5.51
C ARG A 9 -0.84 3.61 -6.28
N MET A 10 -1.00 3.38 -7.55
CA MET A 10 -1.89 4.26 -8.35
C MET A 10 -3.35 3.77 -8.26
N LYS A 11 -4.28 4.67 -8.45
CA LYS A 11 -5.71 4.28 -8.37
C LYS A 11 -6.58 5.29 -9.11
N LYS A 12 -7.82 5.39 -8.75
CA LYS A 12 -8.73 6.36 -9.44
C LYS A 12 -8.13 7.76 -9.45
N LEU A 13 -8.93 8.75 -9.73
CA LEU A 13 -8.43 10.14 -9.79
C LEU A 13 -8.16 10.69 -8.38
N GLY A 14 -7.07 11.42 -8.22
CA GLY A 14 -6.75 11.99 -6.89
C GLY A 14 -6.96 10.96 -5.80
N ALA A 15 -6.49 9.76 -5.99
CA ALA A 15 -6.67 8.71 -4.94
C ALA A 15 -5.70 7.54 -5.18
N PRO A 16 -4.65 7.53 -4.44
CA PRO A 16 -3.63 6.45 -4.56
C PRO A 16 -4.12 5.18 -3.86
N SER A 17 -3.33 4.14 -3.84
CA SER A 17 -3.75 2.88 -3.18
C SER A 17 -2.59 2.31 -2.37
N ILE A 18 -2.53 2.58 -1.09
CA ILE A 18 -1.42 2.04 -0.27
C ILE A 18 -1.65 0.55 0.02
N THR A 19 -0.79 -0.29 -0.47
CA THR A 19 -0.95 -1.76 -0.23
C THR A 19 0.19 -2.26 0.65
N CYS A 20 0.53 -3.52 0.54
CA CYS A 20 1.64 -4.06 1.38
C CYS A 20 2.83 -4.42 0.50
N VAL A 21 3.93 -3.74 0.66
CA VAL A 21 5.13 -4.05 -0.19
C VAL A 21 6.19 -4.75 0.66
N ARG A 22 5.78 -5.32 1.73
CA ARG A 22 6.72 -6.02 2.63
C ARG A 22 5.95 -6.96 3.57
N ARG A 23 5.72 -8.18 3.17
CA ARG A 23 4.97 -9.13 4.04
C ARG A 23 5.90 -9.69 5.13
N ALA A 24 6.19 -8.91 6.13
CA ALA A 24 7.09 -9.41 7.20
C ALA A 24 6.27 -10.18 8.26
N PHE A 25 6.64 -11.41 8.50
CA PHE A 25 5.90 -12.21 9.51
C PHE A 25 5.56 -11.37 10.73
N PHE A 1 -3.20 -7.24 8.32
CA PHE A 1 -2.00 -8.00 7.87
C PHE A 1 -0.72 -7.31 8.35
N LYS A 2 0.31 -8.08 8.63
CA LYS A 2 1.58 -7.46 9.11
C LYS A 2 2.38 -6.93 7.92
N CYS A 3 2.75 -5.68 7.96
CA CYS A 3 3.53 -5.09 6.83
C CYS A 3 4.71 -4.27 7.36
N ARG A 4 5.20 -3.38 6.57
CA ARG A 4 6.35 -2.53 7.02
C ARG A 4 6.32 -1.16 6.35
N ARG A 5 5.88 -1.08 5.12
CA ARG A 5 5.84 0.25 4.43
C ARG A 5 4.75 0.29 3.37
N TRP A 6 3.57 0.72 3.73
CA TRP A 6 2.47 0.80 2.73
C TRP A 6 2.82 1.81 1.64
N GLN A 7 2.85 1.39 0.40
CA GLN A 7 3.18 2.32 -0.71
C GLN A 7 1.92 2.71 -1.47
N TRP A 8 1.64 3.99 -1.57
CA TRP A 8 0.42 4.44 -2.29
C TRP A 8 0.48 4.01 -3.76
N ARG A 9 -0.29 3.02 -4.12
CA ARG A 9 -0.29 2.55 -5.53
C ARG A 9 -1.13 3.49 -6.40
N MET A 10 -1.28 3.18 -7.66
CA MET A 10 -2.09 4.07 -8.54
C MET A 10 -3.56 3.63 -8.48
N LYS A 11 -4.45 4.55 -8.73
CA LYS A 11 -5.90 4.20 -8.69
C LYS A 11 -6.73 5.26 -9.40
N LYS A 12 -7.96 5.39 -9.02
CA LYS A 12 -8.86 6.40 -9.65
C LYS A 12 -8.26 7.80 -9.54
N LEU A 13 -9.08 8.77 -9.29
CA LEU A 13 -8.60 10.18 -9.18
C LEU A 13 -7.28 10.24 -8.38
N GLY A 14 -6.69 11.39 -8.31
CA GLY A 14 -5.40 11.55 -7.56
C GLY A 14 -5.37 10.63 -6.34
N ALA A 15 -6.50 10.36 -5.76
CA ALA A 15 -6.54 9.44 -4.57
C ALA A 15 -5.80 8.14 -4.88
N PRO A 16 -4.64 8.01 -4.32
CA PRO A 16 -3.81 6.78 -4.53
C PRO A 16 -4.32 5.62 -3.67
N SER A 17 -3.64 4.51 -3.72
CA SER A 17 -4.07 3.33 -2.90
C SER A 17 -2.86 2.70 -2.21
N ILE A 18 -2.62 3.04 -0.97
CA ILE A 18 -1.45 2.45 -0.25
C ILE A 18 -1.73 1.00 0.13
N THR A 19 -0.95 0.08 -0.38
CA THR A 19 -1.17 -1.35 -0.06
C THR A 19 0.00 -1.88 0.78
N CYS A 20 -0.05 -3.12 1.19
CA CYS A 20 1.06 -3.67 2.01
C CYS A 20 2.23 -4.06 1.11
N VAL A 21 3.37 -3.44 1.29
CA VAL A 21 4.54 -3.78 0.43
C VAL A 21 5.55 -4.61 1.23
N ARG A 22 5.06 -5.32 2.20
CA ARG A 22 5.97 -6.17 3.03
C ARG A 22 5.16 -7.21 3.79
N ARG A 23 5.60 -8.44 3.80
CA ARG A 23 4.84 -9.49 4.53
C ARG A 23 5.60 -9.90 5.79
N ALA A 24 5.93 -8.95 6.63
CA ALA A 24 6.66 -9.28 7.88
C ALA A 24 5.74 -9.99 8.87
N PHE A 25 5.81 -11.30 8.93
CA PHE A 25 4.93 -12.04 9.87
C PHE A 25 4.87 -11.34 11.22
N PHE A 1 0.16 -10.54 9.68
CA PHE A 1 0.64 -10.01 8.37
C PHE A 1 0.83 -8.49 8.46
N LYS A 2 0.91 -7.96 9.65
CA LYS A 2 1.09 -6.48 9.80
C LYS A 2 2.14 -5.98 8.81
N CYS A 3 1.71 -5.36 7.74
CA CYS A 3 2.68 -4.84 6.73
C CYS A 3 3.67 -3.89 7.38
N ARG A 4 4.32 -3.10 6.58
CA ARG A 4 5.32 -2.15 7.15
C ARG A 4 5.48 -0.90 6.26
N ARG A 5 5.29 -1.03 4.97
CA ARG A 5 5.46 0.16 4.08
C ARG A 5 4.33 0.26 3.06
N TRP A 6 3.18 0.72 3.48
CA TRP A 6 2.05 0.85 2.52
C TRP A 6 2.38 1.91 1.47
N GLN A 7 2.82 1.52 0.30
CA GLN A 7 3.16 2.52 -0.74
C GLN A 7 1.91 2.91 -1.54
N TRP A 8 1.43 4.11 -1.37
CA TRP A 8 0.22 4.55 -2.11
C TRP A 8 0.36 4.22 -3.60
N ARG A 9 -0.29 3.19 -4.06
CA ARG A 9 -0.19 2.83 -5.51
C ARG A 9 -1.11 3.74 -6.32
N MET A 10 -1.20 3.52 -7.60
CA MET A 10 -2.07 4.40 -8.44
C MET A 10 -3.53 3.97 -8.29
N LYS A 11 -4.44 4.88 -8.51
CA LYS A 11 -5.89 4.55 -8.40
C LYS A 11 -6.73 5.55 -9.20
N LYS A 12 -7.96 5.71 -8.84
CA LYS A 12 -8.84 6.67 -9.58
C LYS A 12 -8.19 8.05 -9.68
N LEU A 13 -8.96 9.03 -10.02
CA LEU A 13 -8.41 10.40 -10.15
C LEU A 13 -8.15 11.02 -8.77
N GLY A 14 -7.07 11.74 -8.64
CA GLY A 14 -6.73 12.39 -7.33
C GLY A 14 -6.97 11.41 -6.19
N ALA A 15 -6.52 10.20 -6.32
CA ALA A 15 -6.72 9.21 -5.23
C ALA A 15 -5.80 7.99 -5.43
N PRO A 16 -4.75 7.96 -4.65
CA PRO A 16 -3.79 6.83 -4.73
C PRO A 16 -4.34 5.61 -4.01
N SER A 17 -3.59 4.53 -3.99
CA SER A 17 -4.08 3.30 -3.30
C SER A 17 -2.94 2.69 -2.46
N ILE A 18 -2.87 2.99 -1.20
CA ILE A 18 -1.78 2.41 -0.36
C ILE A 18 -2.06 0.93 -0.06
N THR A 19 -1.23 0.06 -0.57
CA THR A 19 -1.44 -1.40 -0.33
C THR A 19 -0.28 -1.95 0.50
N CYS A 20 -0.34 -3.19 0.87
CA CYS A 20 0.77 -3.79 1.67
C CYS A 20 1.95 -4.14 0.78
N VAL A 21 3.12 -3.62 1.06
CA VAL A 21 4.30 -3.93 0.20
C VAL A 21 5.31 -4.76 1.00
N ARG A 22 4.85 -5.40 2.02
CA ARG A 22 5.74 -6.25 2.85
C ARG A 22 4.91 -7.22 3.70
N ARG A 23 5.40 -8.40 3.93
CA ARG A 23 4.63 -9.38 4.75
C ARG A 23 5.42 -9.75 6.00
N ALA A 24 5.75 -8.78 6.82
CA ALA A 24 6.53 -9.09 8.06
C ALA A 24 5.69 -9.95 9.01
N PHE A 25 5.88 -11.25 8.98
CA PHE A 25 5.09 -12.14 9.88
C PHE A 25 4.97 -11.52 11.27
N PHE A 1 -2.46 -8.72 9.24
CA PHE A 1 -1.35 -8.47 8.27
C PHE A 1 -0.36 -7.48 8.86
N LYS A 2 0.82 -7.93 9.20
CA LYS A 2 1.85 -7.01 9.78
C LYS A 2 2.81 -6.54 8.69
N CYS A 3 2.48 -5.47 8.01
CA CYS A 3 3.39 -4.96 6.94
C CYS A 3 4.47 -4.06 7.53
N ARG A 4 5.05 -3.23 6.71
CA ARG A 4 6.12 -2.32 7.21
C ARG A 4 6.16 -1.01 6.41
N ARG A 5 5.81 -1.04 5.16
CA ARG A 5 5.85 0.22 4.36
C ARG A 5 4.71 0.27 3.33
N TRP A 6 3.53 0.64 3.75
CA TRP A 6 2.40 0.73 2.79
C TRP A 6 2.65 1.84 1.77
N GLN A 7 3.07 1.50 0.59
CA GLN A 7 3.35 2.54 -0.44
C GLN A 7 2.08 2.85 -1.25
N TRP A 8 1.56 4.04 -1.11
CA TRP A 8 0.33 4.41 -1.86
C TRP A 8 0.50 4.11 -3.35
N ARG A 9 -0.13 3.08 -3.85
CA ARG A 9 0.00 2.75 -5.29
C ARG A 9 -0.89 3.66 -6.12
N MET A 10 -0.92 3.48 -7.42
CA MET A 10 -1.77 4.35 -8.27
C MET A 10 -3.21 3.83 -8.27
N LYS A 11 -4.15 4.70 -8.54
CA LYS A 11 -5.58 4.26 -8.56
C LYS A 11 -6.42 5.29 -9.33
N LYS A 12 -7.69 5.34 -9.03
CA LYS A 12 -8.58 6.30 -9.75
C LYS A 12 -8.02 7.72 -9.67
N LEU A 13 -8.84 8.69 -9.97
CA LEU A 13 -8.38 10.10 -9.94
C LEU A 13 -8.19 10.62 -8.52
N GLY A 14 -7.11 11.31 -8.28
CA GLY A 14 -6.85 11.86 -6.92
C GLY A 14 -7.14 10.81 -5.85
N ALA A 15 -6.67 9.61 -6.03
CA ALA A 15 -6.92 8.55 -5.01
C ALA A 15 -5.93 7.40 -5.17
N PRO A 16 -4.88 7.47 -4.43
CA PRO A 16 -3.83 6.42 -4.46
C PRO A 16 -4.31 5.17 -3.72
N SER A 17 -3.52 4.14 -3.71
CA SER A 17 -3.93 2.88 -2.99
C SER A 17 -2.74 2.33 -2.20
N ILE A 18 -2.67 2.62 -0.93
CA ILE A 18 -1.53 2.10 -0.11
C ILE A 18 -1.70 0.60 0.14
N THR A 19 -0.82 -0.19 -0.40
CA THR A 19 -0.92 -1.67 -0.20
C THR A 19 0.24 -2.15 0.68
N CYS A 20 0.25 -3.39 1.05
CA CYS A 20 1.36 -3.91 1.90
C CYS A 20 2.59 -4.21 1.03
N VAL A 21 3.70 -3.58 1.31
CA VAL A 21 4.92 -3.84 0.50
C VAL A 21 5.98 -4.54 1.34
N ARG A 22 5.53 -5.23 2.35
CA ARG A 22 6.48 -5.96 3.24
C ARG A 22 5.73 -7.02 4.06
N ARG A 23 5.67 -8.24 3.59
CA ARG A 23 4.95 -9.28 4.35
C ARG A 23 5.83 -9.81 5.49
N ALA A 24 6.23 -8.94 6.38
CA ALA A 24 7.09 -9.37 7.51
C ALA A 24 6.23 -10.01 8.60
N PHE A 25 5.77 -11.21 8.39
CA PHE A 25 4.93 -11.90 9.41
C PHE A 25 5.51 -11.66 10.81
N PHE A 1 -2.00 -9.80 8.32
CA PHE A 1 -0.52 -9.78 8.51
C PHE A 1 -0.06 -8.36 8.84
N LYS A 2 1.23 -8.18 9.07
CA LYS A 2 1.74 -6.82 9.40
C LYS A 2 2.73 -6.35 8.31
N CYS A 3 2.27 -5.60 7.36
CA CYS A 3 3.18 -5.12 6.28
C CYS A 3 4.30 -4.26 6.88
N ARG A 4 4.89 -3.43 6.07
CA ARG A 4 5.99 -2.57 6.56
C ARG A 4 6.15 -1.31 5.70
N ARG A 5 5.87 -1.39 4.43
CA ARG A 5 6.03 -0.18 3.56
C ARG A 5 4.85 -0.01 2.61
N TRP A 6 3.74 0.50 3.09
CA TRP A 6 2.58 0.70 2.20
C TRP A 6 2.91 1.77 1.15
N GLN A 7 3.31 1.36 -0.03
CA GLN A 7 3.65 2.37 -1.08
C GLN A 7 2.39 2.81 -1.82
N TRP A 8 1.90 4.00 -1.54
CA TRP A 8 0.68 4.49 -2.23
C TRP A 8 0.75 4.17 -3.72
N ARG A 9 0.00 3.20 -4.17
CA ARG A 9 0.03 2.86 -5.62
C ARG A 9 -0.83 3.85 -6.39
N MET A 10 -0.92 3.69 -7.69
CA MET A 10 -1.75 4.63 -8.50
C MET A 10 -3.22 4.27 -8.35
N LYS A 11 -4.09 5.23 -8.57
CA LYS A 11 -5.55 4.95 -8.44
C LYS A 11 -6.35 5.98 -9.25
N LYS A 12 -7.63 5.77 -9.39
CA LYS A 12 -8.46 6.74 -10.17
C LYS A 12 -8.58 8.06 -9.40
N LEU A 13 -9.49 8.89 -9.80
CA LEU A 13 -9.67 10.20 -9.11
C LEU A 13 -9.86 9.99 -7.60
N GLY A 14 -9.54 10.97 -6.81
CA GLY A 14 -9.72 10.82 -5.34
C GLY A 14 -8.35 10.81 -4.67
N ALA A 15 -7.60 9.77 -4.85
CA ALA A 15 -6.25 9.69 -4.22
C ALA A 15 -5.51 8.42 -4.63
N PRO A 16 -4.31 8.28 -4.13
CA PRO A 16 -3.47 7.09 -4.43
C PRO A 16 -4.02 5.85 -3.71
N SER A 17 -3.35 4.74 -3.85
CA SER A 17 -3.82 3.49 -3.17
C SER A 17 -2.64 2.81 -2.46
N ILE A 18 -2.49 3.04 -1.18
CA ILE A 18 -1.36 2.40 -0.44
C ILE A 18 -1.66 0.93 -0.17
N THR A 19 -0.88 0.04 -0.74
CA THR A 19 -1.12 -1.42 -0.52
C THR A 19 -0.04 -1.98 0.39
N CYS A 20 0.18 -3.26 0.35
CA CYS A 20 1.22 -3.86 1.22
C CYS A 20 2.43 -4.30 0.39
N VAL A 21 3.59 -3.75 0.67
CA VAL A 21 4.80 -4.14 -0.11
C VAL A 21 5.78 -4.89 0.79
N ARG A 22 5.26 -5.56 1.77
CA ARG A 22 6.12 -6.33 2.70
C ARG A 22 5.29 -7.34 3.47
N ARG A 23 5.68 -8.58 3.50
CA ARG A 23 4.90 -9.60 4.24
C ARG A 23 5.61 -9.97 5.54
N ALA A 24 5.91 -9.01 6.36
CA ALA A 24 6.61 -9.31 7.64
C ALA A 24 5.66 -10.02 8.61
N PHE A 25 5.91 -11.26 8.90
CA PHE A 25 5.02 -12.01 9.83
C PHE A 25 4.62 -11.13 11.01
N PHE A 1 -3.62 -8.74 6.64
CA PHE A 1 -2.22 -9.25 6.49
C PHE A 1 -1.23 -8.20 6.99
N LYS A 2 -0.27 -8.60 7.79
CA LYS A 2 0.73 -7.62 8.31
C LYS A 2 1.53 -7.02 7.15
N CYS A 3 2.45 -6.15 7.45
CA CYS A 3 3.26 -5.52 6.37
C CYS A 3 4.34 -4.63 6.96
N ARG A 4 4.83 -3.70 6.19
CA ARG A 4 5.90 -2.79 6.70
C ARG A 4 6.00 -1.51 5.86
N ARG A 5 5.71 -1.59 4.58
CA ARG A 5 5.81 -0.36 3.73
C ARG A 5 4.63 -0.23 2.77
N TRP A 6 3.51 0.25 3.25
CA TRP A 6 2.34 0.42 2.37
C TRP A 6 2.64 1.49 1.31
N GLN A 7 3.05 1.09 0.14
CA GLN A 7 3.38 2.08 -0.92
C GLN A 7 2.10 2.54 -1.64
N TRP A 8 1.64 3.73 -1.35
CA TRP A 8 0.41 4.23 -2.01
C TRP A 8 0.47 3.98 -3.53
N ARG A 9 -0.28 3.03 -4.01
CA ARG A 9 -0.25 2.75 -5.48
C ARG A 9 -1.13 3.78 -6.21
N MET A 10 -1.26 3.65 -7.50
CA MET A 10 -2.09 4.63 -8.26
C MET A 10 -3.56 4.22 -8.20
N LYS A 11 -4.44 5.17 -8.36
CA LYS A 11 -5.90 4.86 -8.31
C LYS A 11 -6.69 5.97 -9.00
N LYS A 12 -7.93 6.13 -8.62
CA LYS A 12 -8.78 7.20 -9.24
C LYS A 12 -8.08 8.56 -9.16
N LEU A 13 -8.82 9.60 -9.39
CA LEU A 13 -8.24 10.97 -9.35
C LEU A 13 -7.92 11.41 -7.92
N GLY A 14 -6.78 12.02 -7.72
CA GLY A 14 -6.40 12.50 -6.36
C GLY A 14 -6.70 11.42 -5.31
N ALA A 15 -6.33 10.21 -5.57
CA ALA A 15 -6.60 9.13 -4.57
C ALA A 15 -5.73 7.90 -4.85
N PRO A 16 -4.63 7.84 -4.15
CA PRO A 16 -3.69 6.71 -4.30
C PRO A 16 -4.24 5.46 -3.61
N SER A 17 -3.54 4.37 -3.68
CA SER A 17 -4.01 3.11 -3.01
C SER A 17 -2.85 2.45 -2.26
N ILE A 18 -2.74 2.67 -0.98
CA ILE A 18 -1.62 2.05 -0.22
C ILE A 18 -1.90 0.56 0.02
N THR A 19 -1.10 -0.29 -0.55
CA THR A 19 -1.30 -1.75 -0.36
C THR A 19 -0.22 -2.31 0.55
N CYS A 20 0.02 -3.59 0.51
CA CYS A 20 1.07 -4.18 1.39
C CYS A 20 2.29 -4.56 0.55
N VAL A 21 3.45 -4.05 0.87
CA VAL A 21 4.66 -4.41 0.08
C VAL A 21 5.67 -5.13 0.97
N ARG A 22 5.18 -5.81 1.96
CA ARG A 22 6.07 -6.56 2.87
C ARG A 22 5.26 -7.62 3.64
N ARG A 23 5.83 -8.76 3.90
CA ARG A 23 5.09 -9.81 4.64
C ARG A 23 5.60 -9.89 6.09
N ALA A 24 5.57 -8.79 6.79
CA ALA A 24 6.05 -8.80 8.20
C ALA A 24 5.24 -9.80 9.03
N PHE A 25 5.90 -10.70 9.71
CA PHE A 25 5.17 -11.70 10.53
C PHE A 25 4.02 -11.04 11.27
N PHE A 1 -3.36 -6.30 7.31
CA PHE A 1 -2.30 -7.35 7.22
C PHE A 1 -0.94 -6.77 7.60
N LYS A 2 -0.21 -7.45 8.46
CA LYS A 2 1.12 -6.94 8.87
C LYS A 2 1.89 -6.42 7.66
N CYS A 3 2.81 -5.52 7.86
CA CYS A 3 3.60 -4.97 6.71
C CYS A 3 4.77 -4.15 7.21
N ARG A 4 5.27 -3.28 6.39
CA ARG A 4 6.43 -2.44 6.81
C ARG A 4 6.42 -1.09 6.08
N ARG A 5 5.95 -1.04 4.86
CA ARG A 5 5.96 0.26 4.12
C ARG A 5 4.81 0.33 3.11
N TRP A 6 3.67 0.81 3.52
CA TRP A 6 2.53 0.93 2.58
C TRP A 6 2.83 1.99 1.52
N GLN A 7 3.25 1.57 0.34
CA GLN A 7 3.57 2.56 -0.73
C GLN A 7 2.31 2.94 -1.51
N TRP A 8 1.83 4.14 -1.34
CA TRP A 8 0.61 4.57 -2.07
C TRP A 8 0.71 4.19 -3.55
N ARG A 9 -0.03 3.20 -3.98
CA ARG A 9 0.03 2.79 -5.40
C ARG A 9 -0.82 3.74 -6.24
N MET A 10 -0.87 3.53 -7.52
CA MET A 10 -1.68 4.43 -8.39
C MET A 10 -3.16 4.03 -8.32
N LYS A 11 -4.04 4.95 -8.58
CA LYS A 11 -5.48 4.62 -8.53
C LYS A 11 -6.28 5.62 -9.38
N LYS A 12 -7.56 5.42 -9.52
CA LYS A 12 -8.38 6.36 -10.33
C LYS A 12 -8.53 7.69 -9.61
N LEU A 13 -9.44 8.51 -10.06
CA LEU A 13 -9.64 9.84 -9.42
C LEU A 13 -9.88 9.66 -7.92
N GLY A 14 -9.61 10.68 -7.15
CA GLY A 14 -9.83 10.58 -5.67
C GLY A 14 -8.49 10.61 -4.95
N ALA A 15 -7.73 9.56 -5.07
CA ALA A 15 -6.40 9.53 -4.39
C ALA A 15 -5.64 8.25 -4.74
N PRO A 16 -4.45 8.17 -4.20
CA PRO A 16 -3.59 6.98 -4.44
C PRO A 16 -4.12 5.76 -3.69
N SER A 17 -3.42 4.66 -3.75
CA SER A 17 -3.88 3.43 -3.03
C SER A 17 -2.70 2.80 -2.28
N ILE A 18 -2.55 3.07 -1.01
CA ILE A 18 -1.42 2.49 -0.24
C ILE A 18 -1.70 1.01 0.08
N THR A 19 -0.89 0.13 -0.43
CA THR A 19 -1.08 -1.32 -0.16
C THR A 19 0.09 -1.86 0.65
N CYS A 20 0.03 -3.09 1.06
CA CYS A 20 1.15 -3.66 1.87
C CYS A 20 2.31 -4.06 0.96
N VAL A 21 3.47 -3.52 1.17
CA VAL A 21 4.64 -3.88 0.31
C VAL A 21 5.64 -4.70 1.11
N ARG A 22 5.17 -5.37 2.10
CA ARG A 22 6.06 -6.20 2.95
C ARG A 22 5.24 -7.21 3.76
N ARG A 23 5.67 -8.43 3.84
CA ARG A 23 4.91 -9.44 4.62
C ARG A 23 5.64 -9.74 5.94
N ALA A 24 5.95 -8.73 6.70
CA ALA A 24 6.65 -8.94 7.98
C ALA A 24 5.74 -9.66 8.98
N PHE A 25 5.79 -10.97 9.00
CA PHE A 25 4.91 -11.73 9.94
C PHE A 25 4.91 -11.06 11.32
N PHE A 1 -3.48 -8.03 6.80
CA PHE A 1 -2.22 -8.80 7.05
C PHE A 1 -1.18 -7.89 7.70
N LYS A 2 -0.25 -8.46 8.42
CA LYS A 2 0.79 -7.63 9.08
C LYS A 2 1.73 -7.00 8.04
N CYS A 3 1.68 -5.71 7.88
CA CYS A 3 2.56 -5.06 6.87
C CYS A 3 3.34 -3.91 7.51
N ARG A 4 3.82 -3.01 6.72
CA ARG A 4 4.61 -1.87 7.27
C ARG A 4 4.97 -0.86 6.17
N ARG A 5 5.76 -1.27 5.22
CA ARG A 5 6.16 -0.34 4.13
C ARG A 5 5.10 -0.30 3.03
N TRP A 6 3.87 -0.03 3.38
CA TRP A 6 2.79 0.04 2.35
C TRP A 6 3.26 0.87 1.16
N GLN A 7 2.45 0.97 0.14
CA GLN A 7 2.86 1.78 -1.06
C GLN A 7 1.62 2.35 -1.77
N TRP A 8 1.25 3.56 -1.46
CA TRP A 8 0.06 4.16 -2.13
C TRP A 8 0.10 3.88 -3.64
N ARG A 9 -0.79 3.07 -4.14
CA ARG A 9 -0.79 2.78 -5.60
C ARG A 9 -1.45 3.92 -6.36
N MET A 10 -1.65 3.77 -7.64
CA MET A 10 -2.29 4.84 -8.43
C MET A 10 -3.77 4.53 -8.65
N LYS A 11 -4.54 5.52 -9.03
CA LYS A 11 -5.99 5.27 -9.25
C LYS A 11 -6.70 6.51 -9.79
N LYS A 12 -7.96 6.62 -9.52
CA LYS A 12 -8.76 7.79 -10.03
C LYS A 12 -8.09 9.13 -9.68
N LEU A 13 -8.87 10.18 -9.72
CA LEU A 13 -8.35 11.54 -9.43
C LEU A 13 -7.33 11.54 -8.29
N GLY A 14 -6.08 11.37 -8.60
CA GLY A 14 -5.03 11.39 -7.54
C GLY A 14 -5.49 10.58 -6.32
N ALA A 15 -6.21 9.53 -6.53
CA ALA A 15 -6.66 8.70 -5.37
C ALA A 15 -5.86 7.40 -5.31
N PRO A 16 -4.71 7.50 -4.73
CA PRO A 16 -3.81 6.32 -4.60
C PRO A 16 -4.41 5.26 -3.67
N SER A 17 -3.75 4.15 -3.53
CA SER A 17 -4.27 3.06 -2.64
C SER A 17 -3.10 2.37 -1.94
N ILE A 18 -2.79 2.76 -0.74
CA ILE A 18 -1.64 2.13 -0.02
C ILE A 18 -1.90 0.63 0.16
N THR A 19 -1.12 -0.20 -0.48
CA THR A 19 -1.31 -1.66 -0.36
C THR A 19 -0.22 -2.27 0.53
N CYS A 20 -0.32 -3.52 0.84
CA CYS A 20 0.73 -4.16 1.70
C CYS A 20 1.96 -4.50 0.86
N VAL A 21 3.11 -4.02 1.25
CA VAL A 21 4.35 -4.30 0.47
C VAL A 21 5.50 -4.63 1.44
N ARG A 22 5.15 -5.24 2.53
CA ARG A 22 6.18 -5.63 3.54
C ARG A 22 5.64 -6.71 4.47
N ARG A 23 5.94 -7.95 4.19
CA ARG A 23 5.44 -9.06 5.05
C ARG A 23 6.31 -9.19 6.30
N ALA A 24 5.96 -8.49 7.35
CA ALA A 24 6.77 -8.57 8.61
C ALA A 24 6.08 -9.49 9.62
N PHE A 25 6.59 -10.68 9.80
CA PHE A 25 5.98 -11.63 10.76
C PHE A 25 5.57 -10.89 12.04
N PHE A 1 0.82 -11.24 9.29
CA PHE A 1 1.07 -10.47 8.03
C PHE A 1 1.29 -8.98 8.35
N LYS A 2 2.17 -8.69 9.26
CA LYS A 2 2.42 -7.27 9.62
C LYS A 2 3.29 -6.60 8.54
N CYS A 3 2.68 -5.86 7.66
CA CYS A 3 3.47 -5.19 6.58
C CYS A 3 4.55 -4.31 7.19
N ARG A 4 5.01 -3.35 6.44
CA ARG A 4 6.08 -2.45 6.96
C ARG A 4 5.98 -1.04 6.34
N ARG A 5 5.55 -0.94 5.10
CA ARG A 5 5.45 0.40 4.47
C ARG A 5 4.37 0.45 3.39
N TRP A 6 3.17 0.82 3.74
CA TRP A 6 2.09 0.89 2.74
C TRP A 6 2.38 2.02 1.74
N GLN A 7 2.86 1.70 0.57
CA GLN A 7 3.16 2.76 -0.43
C GLN A 7 1.92 3.07 -1.27
N TRP A 8 1.35 4.23 -1.09
CA TRP A 8 0.14 4.59 -1.87
C TRP A 8 0.36 4.29 -3.36
N ARG A 9 -0.29 3.27 -3.87
CA ARG A 9 -0.12 2.92 -5.30
C ARG A 9 -0.97 3.85 -6.16
N MET A 10 -0.92 3.69 -7.46
CA MET A 10 -1.74 4.57 -8.34
C MET A 10 -3.16 4.00 -8.45
N LYS A 11 -4.11 4.85 -8.72
CA LYS A 11 -5.51 4.36 -8.85
C LYS A 11 -6.38 5.40 -9.57
N LYS A 12 -7.65 5.37 -9.30
CA LYS A 12 -8.59 6.34 -9.94
C LYS A 12 -8.15 7.77 -9.66
N LEU A 13 -9.09 8.64 -9.43
CA LEU A 13 -8.78 10.07 -9.17
C LEU A 13 -7.55 10.19 -8.25
N GLY A 14 -7.10 11.41 -8.02
CA GLY A 14 -5.91 11.63 -7.14
C GLY A 14 -5.89 10.61 -6.00
N ALA A 15 -7.03 10.17 -5.55
CA ALA A 15 -7.07 9.17 -4.44
C ALA A 15 -6.18 7.97 -4.80
N PRO A 16 -5.06 7.89 -4.13
CA PRO A 16 -4.11 6.79 -4.37
C PRO A 16 -4.59 5.50 -3.69
N SER A 17 -3.80 4.45 -3.77
CA SER A 17 -4.19 3.17 -3.12
C SER A 17 -3.01 2.59 -2.33
N ILE A 18 -2.95 2.83 -1.05
CA ILE A 18 -1.81 2.29 -0.24
C ILE A 18 -2.00 0.78 0.01
N THR A 19 -1.09 -0.01 -0.49
CA THR A 19 -1.20 -1.49 -0.29
C THR A 19 -0.02 -1.97 0.56
N CYS A 20 0.00 -3.23 0.88
CA CYS A 20 1.13 -3.76 1.71
C CYS A 20 2.36 -4.00 0.84
N VAL A 21 3.47 -3.40 1.16
CA VAL A 21 4.70 -3.60 0.34
C VAL A 21 5.73 -4.40 1.13
N ARG A 22 5.26 -5.17 2.05
CA ARG A 22 6.18 -6.01 2.88
C ARG A 22 5.39 -7.12 3.59
N ARG A 23 5.91 -8.30 3.61
CA ARG A 23 5.20 -9.41 4.29
C ARG A 23 5.90 -9.76 5.60
N ALA A 24 6.11 -8.79 6.44
CA ALA A 24 6.77 -9.07 7.75
C ALA A 24 5.76 -9.56 8.77
N PHE A 25 5.57 -10.86 8.84
CA PHE A 25 4.59 -11.41 9.82
C PHE A 25 4.71 -10.69 11.17
N PHE A 1 -2.30 -9.09 8.21
CA PHE A 1 -1.39 -8.83 7.07
C PHE A 1 -0.24 -7.92 7.52
N LYS A 2 0.51 -8.33 8.52
CA LYS A 2 1.64 -7.48 8.99
C LYS A 2 2.45 -6.96 7.80
N CYS A 3 2.77 -5.69 7.80
CA CYS A 3 3.55 -5.12 6.67
C CYS A 3 4.75 -4.33 7.19
N ARG A 4 5.26 -3.45 6.38
CA ARG A 4 6.43 -2.64 6.83
C ARG A 4 6.42 -1.26 6.17
N ARG A 5 5.97 -1.16 4.95
CA ARG A 5 5.96 0.18 4.27
C ARG A 5 4.85 0.25 3.22
N TRP A 6 3.69 0.69 3.60
CA TRP A 6 2.57 0.80 2.63
C TRP A 6 2.91 1.83 1.54
N GLN A 7 3.11 1.39 0.33
CA GLN A 7 3.45 2.34 -0.76
C GLN A 7 2.19 2.79 -1.50
N TRP A 8 1.87 4.06 -1.48
CA TRP A 8 0.65 4.53 -2.18
C TRP A 8 0.73 4.18 -3.67
N ARG A 9 -0.03 3.20 -4.08
CA ARG A 9 -0.01 2.79 -5.51
C ARG A 9 -0.86 3.76 -6.33
N MET A 10 -0.96 3.54 -7.62
CA MET A 10 -1.77 4.45 -8.46
C MET A 10 -3.25 4.09 -8.35
N LYS A 11 -4.12 5.03 -8.59
CA LYS A 11 -5.58 4.74 -8.51
C LYS A 11 -6.36 5.76 -9.34
N LYS A 12 -7.66 5.58 -9.46
CA LYS A 12 -8.47 6.54 -10.26
C LYS A 12 -8.57 7.87 -9.51
N LEU A 13 -9.48 8.71 -9.94
CA LEU A 13 -9.64 10.03 -9.27
C LEU A 13 -9.84 9.85 -7.76
N GLY A 14 -9.53 10.86 -6.99
CA GLY A 14 -9.70 10.75 -5.52
C GLY A 14 -8.34 10.75 -4.83
N ALA A 15 -7.61 9.69 -4.98
CA ALA A 15 -6.26 9.64 -4.34
C ALA A 15 -5.53 8.33 -4.71
N PRO A 16 -4.33 8.22 -4.20
CA PRO A 16 -3.50 7.02 -4.45
C PRO A 16 -4.03 5.81 -3.68
N SER A 17 -3.37 4.69 -3.76
CA SER A 17 -3.82 3.48 -3.01
C SER A 17 -2.64 2.83 -2.30
N ILE A 18 -2.46 3.11 -1.04
CA ILE A 18 -1.32 2.50 -0.28
C ILE A 18 -1.62 1.03 0.04
N THR A 19 -0.83 0.14 -0.50
CA THR A 19 -1.05 -1.31 -0.23
C THR A 19 0.11 -1.86 0.61
N CYS A 20 0.04 -3.10 1.01
CA CYS A 20 1.12 -3.69 1.83
C CYS A 20 2.31 -4.08 0.93
N VAL A 21 3.48 -3.57 1.21
CA VAL A 21 4.66 -3.93 0.37
C VAL A 21 5.62 -4.80 1.16
N ARG A 22 5.11 -5.49 2.13
CA ARG A 22 5.97 -6.37 2.96
C ARG A 22 5.12 -7.38 3.73
N ARG A 23 5.53 -8.60 3.80
CA ARG A 23 4.74 -9.62 4.54
C ARG A 23 5.46 -10.02 5.83
N ALA A 24 5.81 -9.06 6.63
CA ALA A 24 6.52 -9.37 7.91
C ALA A 24 5.51 -9.81 8.98
N PHE A 25 5.02 -11.01 8.89
CA PHE A 25 4.04 -11.49 9.90
C PHE A 25 4.45 -11.05 11.31
N PHE A 1 -2.43 -8.64 8.92
CA PHE A 1 -1.27 -8.22 8.08
C PHE A 1 -0.46 -7.15 8.80
N LYS A 2 0.67 -7.52 9.35
CA LYS A 2 1.51 -6.50 10.07
C LYS A 2 2.63 -6.00 9.15
N CYS A 3 2.29 -5.38 8.06
CA CYS A 3 3.33 -4.87 7.13
C CYS A 3 4.29 -3.94 7.86
N ARG A 4 5.04 -3.16 7.14
CA ARG A 4 6.00 -2.23 7.79
C ARG A 4 6.10 -0.91 7.01
N ARG A 5 5.95 -0.94 5.72
CA ARG A 5 6.04 0.31 4.92
C ARG A 5 5.09 0.26 3.73
N TRP A 6 3.93 0.85 3.87
CA TRP A 6 2.96 0.85 2.75
C TRP A 6 3.46 1.73 1.59
N GLN A 7 2.82 1.67 0.47
CA GLN A 7 3.26 2.51 -0.69
C GLN A 7 2.04 2.92 -1.52
N TRP A 8 1.48 4.07 -1.23
CA TRP A 8 0.29 4.54 -2.00
C TRP A 8 0.43 4.19 -3.49
N ARG A 9 -0.11 3.10 -3.91
CA ARG A 9 -0.01 2.73 -5.36
C ARG A 9 -1.02 3.53 -6.16
N MET A 10 -1.19 3.20 -7.42
CA MET A 10 -2.17 3.97 -8.24
C MET A 10 -3.59 3.44 -8.02
N LYS A 11 -4.56 4.28 -8.20
CA LYS A 11 -5.98 3.86 -8.00
C LYS A 11 -6.89 4.62 -8.94
N LYS A 12 -8.12 4.82 -8.53
CA LYS A 12 -9.09 5.55 -9.40
C LYS A 12 -8.52 6.90 -9.83
N LEU A 13 -9.38 7.76 -10.32
CA LEU A 13 -8.92 9.10 -10.79
C LEU A 13 -8.27 9.89 -9.65
N GLY A 14 -7.09 10.40 -9.88
CA GLY A 14 -6.40 11.20 -8.83
C GLY A 14 -6.52 10.50 -7.48
N ALA A 15 -6.19 9.24 -7.42
CA ALA A 15 -6.29 8.51 -6.13
C ALA A 15 -5.28 7.36 -6.09
N PRO A 16 -4.43 7.38 -5.11
CA PRO A 16 -3.42 6.32 -4.95
C PRO A 16 -4.00 5.15 -4.14
N SER A 17 -3.18 4.17 -3.82
CA SER A 17 -3.69 3.02 -3.02
C SER A 17 -2.58 2.49 -2.10
N ILE A 18 -2.53 2.96 -0.89
CA ILE A 18 -1.45 2.50 0.04
C ILE A 18 -1.63 0.99 0.31
N THR A 19 -0.69 0.19 -0.12
CA THR A 19 -0.79 -1.28 0.10
C THR A 19 0.40 -1.77 0.91
N CYS A 20 0.42 -3.02 1.28
CA CYS A 20 1.57 -3.54 2.06
C CYS A 20 2.74 -3.85 1.13
N VAL A 21 3.87 -3.24 1.36
CA VAL A 21 5.04 -3.50 0.47
C VAL A 21 6.11 -4.29 1.23
N ARG A 22 5.69 -4.97 2.24
CA ARG A 22 6.63 -5.78 3.06
C ARG A 22 5.86 -6.82 3.88
N ARG A 23 5.64 -7.98 3.35
CA ARG A 23 4.89 -9.02 4.11
C ARG A 23 5.82 -9.69 5.13
N ALA A 24 6.38 -8.93 6.03
CA ALA A 24 7.30 -9.52 7.05
C ALA A 24 6.52 -10.43 8.00
N PHE A 25 6.44 -11.70 7.68
CA PHE A 25 5.70 -12.64 8.57
C PHE A 25 5.98 -12.34 10.04
N PHE A 1 -2.68 -9.50 7.80
CA PHE A 1 -1.22 -9.65 8.04
C PHE A 1 -0.60 -8.31 8.43
N LYS A 2 0.66 -8.31 8.79
CA LYS A 2 1.31 -7.03 9.18
C LYS A 2 2.33 -6.61 8.12
N CYS A 3 2.08 -5.53 7.44
CA CYS A 3 3.04 -5.08 6.38
C CYS A 3 4.14 -4.21 7.00
N ARG A 4 4.77 -3.41 6.20
CA ARG A 4 5.86 -2.54 6.72
C ARG A 4 6.01 -1.27 5.87
N ARG A 5 5.77 -1.34 4.59
CA ARG A 5 5.92 -0.13 3.74
C ARG A 5 4.76 0.02 2.76
N TRP A 6 3.65 0.53 3.21
CA TRP A 6 2.49 0.72 2.30
C TRP A 6 2.83 1.79 1.26
N GLN A 7 3.26 1.40 0.09
CA GLN A 7 3.61 2.40 -0.95
C GLN A 7 2.35 2.84 -1.72
N TRP A 8 1.84 4.01 -1.43
CA TRP A 8 0.63 4.49 -2.13
C TRP A 8 0.72 4.18 -3.63
N ARG A 9 -0.02 3.21 -4.09
CA ARG A 9 0.03 2.87 -5.54
C ARG A 9 -0.83 3.86 -6.33
N MET A 10 -0.89 3.71 -7.62
CA MET A 10 -1.71 4.65 -8.43
C MET A 10 -3.19 4.30 -8.29
N LYS A 11 -4.05 5.24 -8.53
CA LYS A 11 -5.52 4.98 -8.41
C LYS A 11 -6.30 6.00 -9.24
N LYS A 12 -7.57 5.77 -9.43
CA LYS A 12 -8.38 6.73 -10.23
C LYS A 12 -8.55 8.04 -9.44
N LEU A 13 -9.46 8.87 -9.86
CA LEU A 13 -9.67 10.16 -9.16
C LEU A 13 -9.89 9.92 -7.67
N GLY A 14 -9.60 10.90 -6.86
CA GLY A 14 -9.79 10.74 -5.39
C GLY A 14 -8.44 10.74 -4.69
N ALA A 15 -7.68 9.70 -4.86
CA ALA A 15 -6.34 9.63 -4.21
C ALA A 15 -5.58 8.36 -4.62
N PRO A 16 -4.39 8.25 -4.10
CA PRO A 16 -3.53 7.06 -4.39
C PRO A 16 -4.07 5.81 -3.70
N SER A 17 -3.38 4.71 -3.83
CA SER A 17 -3.85 3.46 -3.16
C SER A 17 -2.68 2.78 -2.44
N ILE A 18 -2.56 2.99 -1.15
CA ILE A 18 -1.43 2.37 -0.39
C ILE A 18 -1.74 0.89 -0.13
N THR A 19 -0.93 0.02 -0.68
CA THR A 19 -1.14 -1.44 -0.47
C THR A 19 -0.07 -2.00 0.45
N CYS A 20 0.17 -3.28 0.40
CA CYS A 20 1.22 -3.87 1.28
C CYS A 20 2.45 -4.26 0.46
N VAL A 21 3.60 -3.76 0.80
CA VAL A 21 4.83 -4.12 0.01
C VAL A 21 5.82 -4.86 0.90
N ARG A 22 5.32 -5.51 1.91
CA ARG A 22 6.22 -6.28 2.83
C ARG A 22 5.40 -7.28 3.63
N ARG A 23 5.31 -8.51 3.18
CA ARG A 23 4.52 -9.52 3.94
C ARG A 23 5.33 -10.04 5.12
N ALA A 24 5.69 -9.18 6.03
CA ALA A 24 6.49 -9.63 7.21
C ALA A 24 5.59 -10.33 8.22
N PHE A 25 5.60 -11.64 8.23
CA PHE A 25 4.73 -12.37 9.20
C PHE A 25 4.76 -11.70 10.57
N PHE A 1 -3.81 -7.93 9.27
CA PHE A 1 -2.47 -7.80 8.62
C PHE A 1 -1.69 -6.63 9.23
N LYS A 2 -0.40 -6.62 9.09
CA LYS A 2 0.41 -5.51 9.66
C LYS A 2 1.72 -5.35 8.88
N CYS A 3 1.66 -4.66 7.77
CA CYS A 3 2.90 -4.46 6.96
C CYS A 3 3.80 -3.40 7.60
N ARG A 4 4.70 -2.86 6.84
CA ARG A 4 5.63 -1.83 7.39
C ARG A 4 5.91 -0.73 6.35
N ARG A 5 5.87 -1.04 5.09
CA ARG A 5 6.15 -0.01 4.06
C ARG A 5 4.97 0.16 3.09
N TRP A 6 3.91 0.78 3.54
CA TRP A 6 2.75 0.98 2.65
C TRP A 6 3.05 2.07 1.61
N GLN A 7 3.47 1.69 0.43
CA GLN A 7 3.78 2.70 -0.61
C GLN A 7 2.52 3.06 -1.40
N TRP A 8 2.01 4.25 -1.21
CA TRP A 8 0.78 4.66 -1.95
C TRP A 8 0.91 4.31 -3.43
N ARG A 9 0.26 3.26 -3.86
CA ARG A 9 0.35 2.87 -5.29
C ARG A 9 -0.57 3.76 -6.13
N MET A 10 -0.62 3.55 -7.42
CA MET A 10 -1.49 4.39 -8.27
C MET A 10 -2.95 3.98 -8.08
N LYS A 11 -3.86 4.86 -8.37
CA LYS A 11 -5.31 4.52 -8.21
C LYS A 11 -6.16 5.45 -9.08
N LYS A 12 -7.40 5.11 -9.28
CA LYS A 12 -8.27 5.98 -10.13
C LYS A 12 -8.52 7.31 -9.42
N LEU A 13 -9.48 8.05 -9.89
CA LEU A 13 -9.78 9.36 -9.25
C LEU A 13 -9.97 9.20 -7.74
N GLY A 14 -9.73 10.24 -6.99
CA GLY A 14 -9.91 10.13 -5.52
C GLY A 14 -8.56 10.25 -4.83
N ALA A 15 -7.73 9.25 -4.96
CA ALA A 15 -6.40 9.30 -4.31
C ALA A 15 -5.56 8.06 -4.66
N PRO A 16 -4.37 8.04 -4.14
CA PRO A 16 -3.44 6.90 -4.37
C PRO A 16 -3.93 5.64 -3.63
N SER A 17 -3.17 4.58 -3.70
CA SER A 17 -3.58 3.32 -2.99
C SER A 17 -2.38 2.74 -2.22
N ILE A 18 -2.29 3.03 -0.95
CA ILE A 18 -1.15 2.49 -0.15
C ILE A 18 -1.37 1.00 0.14
N THR A 19 -0.52 0.15 -0.38
CA THR A 19 -0.68 -1.31 -0.14
C THR A 19 0.53 -1.83 0.65
N CYS A 20 0.46 -3.05 1.11
CA CYS A 20 1.62 -3.61 1.87
C CYS A 20 2.72 -4.04 0.92
N VAL A 21 3.85 -3.38 0.95
CA VAL A 21 4.96 -3.78 0.04
C VAL A 21 6.03 -4.56 0.81
N ARG A 22 5.62 -5.11 1.90
CA ARG A 22 6.57 -5.90 2.75
C ARG A 22 5.78 -6.77 3.73
N ARG A 23 5.38 -7.95 3.32
CA ARG A 23 4.61 -8.82 4.25
C ARG A 23 5.55 -9.51 5.23
N ALA A 24 6.19 -8.75 6.07
CA ALA A 24 7.13 -9.36 7.07
C ALA A 24 6.41 -10.44 7.88
N PHE A 25 6.77 -11.68 7.67
CA PHE A 25 6.12 -12.79 8.43
C PHE A 25 5.92 -12.39 9.90
N PHE A 1 -2.04 -9.15 5.56
CA PHE A 1 -1.32 -9.58 6.80
C PHE A 1 -0.54 -8.39 7.39
N LYS A 2 -0.04 -8.53 8.58
CA LYS A 2 0.73 -7.42 9.21
C LYS A 2 1.70 -6.82 8.20
N CYS A 3 1.43 -5.62 7.75
CA CYS A 3 2.34 -4.97 6.75
C CYS A 3 3.15 -3.86 7.43
N ARG A 4 3.67 -2.96 6.64
CA ARG A 4 4.47 -1.84 7.22
C ARG A 4 4.87 -0.85 6.13
N ARG A 5 5.64 -1.29 5.16
CA ARG A 5 6.09 -0.37 4.09
C ARG A 5 5.05 -0.27 2.98
N TRP A 6 3.83 0.05 3.32
CA TRP A 6 2.77 0.17 2.29
C TRP A 6 3.27 1.00 1.11
N GLN A 7 2.49 1.13 0.07
CA GLN A 7 2.94 1.93 -1.10
C GLN A 7 1.74 2.55 -1.83
N TRP A 8 1.38 3.76 -1.49
CA TRP A 8 0.23 4.41 -2.16
C TRP A 8 0.29 4.15 -3.67
N ARG A 9 -0.39 3.14 -4.14
CA ARG A 9 -0.37 2.84 -5.59
C ARG A 9 -1.31 3.80 -6.33
N MET A 10 -1.55 3.56 -7.58
CA MET A 10 -2.46 4.45 -8.35
C MET A 10 -3.91 4.08 -8.10
N LYS A 11 -4.80 5.02 -8.20
CA LYS A 11 -6.24 4.74 -7.97
C LYS A 11 -7.11 5.70 -8.76
N LYS A 12 -8.27 5.99 -8.26
CA LYS A 12 -9.19 6.93 -8.97
C LYS A 12 -8.48 8.24 -9.31
N LEU A 13 -9.23 9.25 -9.66
CA LEU A 13 -8.63 10.56 -10.00
C LEU A 13 -7.97 11.22 -8.78
N GLY A 14 -6.77 11.70 -8.94
CA GLY A 14 -6.07 12.36 -7.80
C GLY A 14 -6.24 11.52 -6.53
N ALA A 15 -6.00 10.24 -6.62
CA ALA A 15 -6.15 9.37 -5.42
C ALA A 15 -5.31 8.11 -5.56
N PRO A 16 -4.33 7.98 -4.70
CA PRO A 16 -3.45 6.80 -4.73
C PRO A 16 -4.07 5.64 -3.96
N SER A 17 -3.36 4.56 -3.80
CA SER A 17 -3.93 3.40 -3.05
C SER A 17 -2.81 2.70 -2.24
N ILE A 18 -2.64 3.09 -1.00
CA ILE A 18 -1.57 2.44 -0.18
C ILE A 18 -1.88 0.94 -0.02
N THR A 19 -1.08 0.10 -0.60
CA THR A 19 -1.32 -1.37 -0.49
C THR A 19 -0.26 -2.01 0.40
N CYS A 20 -0.41 -3.27 0.70
CA CYS A 20 0.61 -3.94 1.57
C CYS A 20 1.84 -4.33 0.73
N VAL A 21 2.99 -3.89 1.13
CA VAL A 21 4.23 -4.21 0.37
C VAL A 21 5.35 -4.59 1.35
N ARG A 22 4.97 -5.20 2.43
CA ARG A 22 5.97 -5.62 3.44
C ARG A 22 5.38 -6.71 4.35
N ARG A 23 5.64 -7.95 4.05
CA ARG A 23 5.08 -9.05 4.90
C ARG A 23 5.92 -9.21 6.17
N ALA A 24 5.53 -8.59 7.24
CA ALA A 24 6.30 -8.71 8.51
C ALA A 24 5.62 -9.71 9.45
N PHE A 25 6.15 -10.89 9.56
CA PHE A 25 5.53 -11.91 10.46
C PHE A 25 5.08 -11.27 11.77
N PHE A 1 -3.09 -8.50 8.95
CA PHE A 1 -1.71 -8.47 8.38
C PHE A 1 -0.91 -7.34 9.03
N LYS A 2 0.37 -7.56 9.25
CA LYS A 2 1.21 -6.50 9.88
C LYS A 2 2.25 -6.00 8.87
N CYS A 3 1.83 -5.27 7.88
CA CYS A 3 2.79 -4.75 6.86
C CYS A 3 3.83 -3.84 7.53
N ARG A 4 4.45 -3.00 6.76
CA ARG A 4 5.47 -2.08 7.33
C ARG A 4 5.51 -0.75 6.56
N ARG A 5 5.28 -0.78 5.28
CA ARG A 5 5.32 0.49 4.49
C ARG A 5 4.26 0.48 3.39
N TRP A 6 3.10 0.99 3.66
CA TRP A 6 2.03 1.04 2.63
C TRP A 6 2.38 2.07 1.55
N GLN A 7 2.79 1.63 0.40
CA GLN A 7 3.15 2.59 -0.69
C GLN A 7 1.91 2.92 -1.53
N TRP A 8 1.39 4.11 -1.39
CA TRP A 8 0.20 4.50 -2.19
C TRP A 8 0.36 4.10 -3.65
N ARG A 9 -0.28 3.04 -4.06
CA ARG A 9 -0.17 2.61 -5.48
C ARG A 9 -1.07 3.47 -6.36
N MET A 10 -1.20 3.12 -7.61
CA MET A 10 -2.07 3.95 -8.50
C MET A 10 -3.53 3.56 -8.32
N LYS A 11 -4.42 4.48 -8.56
CA LYS A 11 -5.87 4.19 -8.40
C LYS A 11 -6.69 5.26 -9.11
N LYS A 12 -7.90 5.47 -8.69
CA LYS A 12 -8.75 6.51 -9.35
C LYS A 12 -8.01 7.84 -9.38
N LEU A 13 -8.70 8.89 -9.69
CA LEU A 13 -8.05 10.22 -9.75
C LEU A 13 -8.04 10.91 -8.39
N GLY A 14 -7.09 11.77 -8.17
CA GLY A 14 -7.01 12.47 -6.86
C GLY A 14 -7.11 11.46 -5.74
N ALA A 15 -6.82 10.20 -6.00
CA ALA A 15 -6.91 9.19 -4.92
C ALA A 15 -6.03 7.97 -5.24
N PRO A 16 -4.92 7.91 -4.56
CA PRO A 16 -3.96 6.78 -4.74
C PRO A 16 -4.47 5.54 -3.99
N SER A 17 -3.72 4.48 -4.00
CA SER A 17 -4.15 3.24 -3.28
C SER A 17 -3.00 2.66 -2.47
N ILE A 18 -2.94 2.96 -1.20
CA ILE A 18 -1.83 2.42 -0.35
C ILE A 18 -2.09 0.95 0.00
N THR A 19 -1.23 0.07 -0.42
CA THR A 19 -1.42 -1.37 -0.12
C THR A 19 -0.31 -1.85 0.82
N CYS A 20 -0.05 -3.13 0.85
CA CYS A 20 1.03 -3.65 1.74
C CYS A 20 2.28 -3.93 0.92
N VAL A 21 3.41 -3.43 1.35
CA VAL A 21 4.67 -3.68 0.58
C VAL A 21 5.71 -4.37 1.46
N ARG A 22 5.24 -5.05 2.46
CA ARG A 22 6.19 -5.76 3.38
C ARG A 22 5.43 -6.82 4.18
N ARG A 23 5.43 -8.04 3.73
CA ARG A 23 4.71 -9.11 4.49
C ARG A 23 5.57 -9.57 5.66
N ALA A 24 6.03 -8.66 6.47
CA ALA A 24 6.87 -9.04 7.63
C ALA A 24 6.12 -10.01 8.55
N PHE A 25 6.62 -11.21 8.69
CA PHE A 25 5.95 -12.20 9.56
C PHE A 25 5.47 -11.54 10.85
N PHE A 1 -2.28 -10.53 9.50
CA PHE A 1 -1.16 -10.12 8.60
C PHE A 1 -0.64 -8.74 9.02
N LYS A 2 0.62 -8.49 8.82
CA LYS A 2 1.20 -7.17 9.21
C LYS A 2 2.21 -6.70 8.15
N CYS A 3 1.90 -5.63 7.46
CA CYS A 3 2.84 -5.12 6.42
C CYS A 3 3.93 -4.26 7.06
N ARG A 4 4.54 -3.42 6.29
CA ARG A 4 5.62 -2.55 6.84
C ARG A 4 5.79 -1.27 6.00
N ARG A 5 5.55 -1.32 4.72
CA ARG A 5 5.71 -0.10 3.89
C ARG A 5 4.55 0.08 2.90
N TRP A 6 3.43 0.55 3.36
CA TRP A 6 2.29 0.76 2.44
C TRP A 6 2.64 1.86 1.43
N GLN A 7 3.07 1.50 0.26
CA GLN A 7 3.44 2.53 -0.75
C GLN A 7 2.19 2.98 -1.53
N TRP A 8 1.70 4.15 -1.22
CA TRP A 8 0.49 4.66 -1.93
C TRP A 8 0.60 4.41 -3.44
N ARG A 9 -0.11 3.45 -3.95
CA ARG A 9 -0.04 3.18 -5.40
C ARG A 9 -0.91 4.20 -6.15
N MET A 10 -1.00 4.08 -7.45
CA MET A 10 -1.83 5.05 -8.20
C MET A 10 -3.12 4.39 -8.69
N LYS A 11 -4.22 5.06 -8.53
CA LYS A 11 -5.51 4.49 -8.97
C LYS A 11 -6.31 5.54 -9.75
N LYS A 12 -7.57 5.30 -9.98
CA LYS A 12 -8.39 6.29 -10.73
C LYS A 12 -8.40 7.63 -9.98
N LEU A 13 -9.30 8.49 -10.32
CA LEU A 13 -9.37 9.82 -9.65
C LEU A 13 -9.68 9.64 -8.17
N GLY A 14 -9.54 10.68 -7.39
CA GLY A 14 -9.84 10.57 -5.94
C GLY A 14 -8.54 10.67 -5.13
N ALA A 15 -7.73 9.64 -5.21
CA ALA A 15 -6.45 9.67 -4.45
C ALA A 15 -5.61 8.42 -4.76
N PRO A 16 -4.48 8.33 -4.11
CA PRO A 16 -3.57 7.17 -4.30
C PRO A 16 -4.13 5.93 -3.62
N SER A 17 -3.44 4.82 -3.72
CA SER A 17 -3.93 3.57 -3.07
C SER A 17 -2.78 2.89 -2.32
N ILE A 18 -2.69 3.10 -1.04
CA ILE A 18 -1.58 2.46 -0.26
C ILE A 18 -1.87 0.97 -0.04
N THR A 19 -1.06 0.12 -0.62
CA THR A 19 -1.27 -1.34 -0.45
C THR A 19 -0.21 -1.92 0.49
N CYS A 20 0.02 -3.20 0.42
CA CYS A 20 1.04 -3.81 1.33
C CYS A 20 2.28 -4.20 0.52
N VAL A 21 3.41 -3.64 0.85
CA VAL A 21 4.65 -3.99 0.10
C VAL A 21 5.61 -4.75 1.00
N ARG A 22 5.08 -5.43 1.96
CA ARG A 22 5.93 -6.22 2.90
C ARG A 22 5.08 -7.26 3.63
N ARG A 23 5.48 -8.50 3.60
CA ARG A 23 4.69 -9.55 4.29
C ARG A 23 5.39 -9.98 5.58
N ALA A 24 5.69 -9.04 6.44
CA ALA A 24 6.38 -9.39 7.72
C ALA A 24 5.41 -10.12 8.65
N PHE A 25 5.84 -11.23 9.22
CA PHE A 25 4.94 -11.99 10.13
C PHE A 25 4.20 -11.03 11.06
#